data_9DWP
#
_entry.id   9DWP
#
_cell.length_a   34.520
_cell.length_b   67.200
_cell.length_c   60.469
_cell.angle_alpha   90.00
_cell.angle_beta   106.47
_cell.angle_gamma   90.00
#
_symmetry.space_group_name_H-M   'P 1 21 1'
#
loop_
_entity.id
_entity.type
_entity.pdbx_description
1 polymer 'C4-dicarboxylate-binding protein'
2 non-polymer '(2E)-2-METHYLBUT-2-ENEDIOIC ACID'
3 non-polymer 'MAGNESIUM ION'
4 non-polymer 'CHLORIDE ION'
5 water water
#
_entity_poly.entity_id   1
_entity_poly.type   'polypeptide(L)'
_entity_poly.pdbx_seq_one_letter_code
;SNAAQPIVIKFSHVVAENTPKGQGALLFKKLVEQRLGGRVEVDVYPNSSLFGDGKEMEALLLGDVQMLAPSLAKFEQYTR
KVQIFDLPFLFDDIQAVDRFQRSPQGRALLTSMQGKGILGLAYWHNGMKQLSANRPLLEPEDARGLKFRVQASDVLNEQF
RQLRAISRKMSFAEVYQGLQTGVVNGTENTWSNYESQKVNEVQKYFTESNHGLVDYMVITNAKFWNGLPADIREELQRIM
DEVTVQVNLEAERLNRDARQRILASGASEIHTLSPQQRADWRQAMQPVWQKFRGNVGADLLQAAEASNRPD
;
_entity_poly.pdbx_strand_id   A
#
# COMPACT_ATOMS: atom_id res chain seq x y z
N ALA A 4 -11.42 -27.10 22.21
CA ALA A 4 -10.36 -28.00 21.70
C ALA A 4 -9.97 -27.60 20.27
N GLN A 5 -10.92 -27.65 19.32
CA GLN A 5 -10.62 -27.34 17.93
C GLN A 5 -10.03 -25.92 17.83
N PRO A 6 -8.73 -25.77 17.47
CA PRO A 6 -8.16 -24.44 17.29
C PRO A 6 -8.77 -23.81 16.05
N ILE A 7 -8.97 -22.51 16.11
CA ILE A 7 -9.40 -21.72 14.96
C ILE A 7 -8.14 -21.24 14.29
N VAL A 8 -8.02 -21.46 12.98
CA VAL A 8 -6.81 -21.10 12.26
C VAL A 8 -7.01 -19.84 11.41
N ILE A 9 -6.09 -18.88 11.58
CA ILE A 9 -6.02 -17.70 10.73
C ILE A 9 -4.66 -17.71 10.04
N LYS A 10 -4.64 -18.10 8.75
CA LYS A 10 -3.46 -17.93 7.93
C LYS A 10 -3.47 -16.49 7.42
N PHE A 11 -2.41 -15.76 7.75
CA PHE A 11 -2.24 -14.36 7.36
C PHE A 11 -1.05 -14.30 6.41
N SER A 12 -1.34 -14.07 5.12
CA SER A 12 -0.34 -14.03 4.06
C SER A 12 -0.08 -12.60 3.65
N HIS A 13 1.19 -12.26 3.39
CA HIS A 13 1.50 -10.95 2.82
C HIS A 13 2.78 -11.05 2.00
N VAL A 14 3.04 -9.98 1.24
CA VAL A 14 4.13 -9.98 0.26
C VAL A 14 5.37 -9.21 0.72
N VAL A 15 5.35 -8.61 1.91
CA VAL A 15 6.48 -7.75 2.29
C VAL A 15 7.43 -8.47 3.26
N ALA A 16 8.55 -7.81 3.53
CA ALA A 16 9.54 -8.30 4.48
C ALA A 16 9.01 -8.16 5.90
N GLU A 17 9.65 -8.87 6.83
CA GLU A 17 9.20 -8.86 8.22
C GLU A 17 9.45 -7.50 8.87
N ASN A 18 10.54 -6.81 8.50
CA ASN A 18 10.96 -5.56 9.14
C ASN A 18 10.34 -4.36 8.44
N THR A 19 9.01 -4.36 8.39
CA THR A 19 8.20 -3.35 7.72
C THR A 19 6.95 -3.11 8.54
N PRO A 20 6.17 -2.04 8.27
CA PRO A 20 4.93 -1.81 9.02
C PRO A 20 3.97 -3.00 8.98
N LYS A 21 3.72 -3.55 7.79
CA LYS A 21 2.80 -4.67 7.67
C LYS A 21 3.39 -5.95 8.24
N GLY A 22 4.69 -6.16 8.02
CA GLY A 22 5.34 -7.36 8.52
C GLY A 22 5.28 -7.41 10.05
N GLN A 23 5.55 -6.26 10.68
CA GLN A 23 5.52 -6.17 12.13
C GLN A 23 4.08 -6.26 12.63
N GLY A 24 3.13 -5.68 11.90
CA GLY A 24 1.73 -5.73 12.29
C GLY A 24 1.19 -7.15 12.31
N ALA A 25 1.52 -7.93 11.28
CA ALA A 25 1.06 -9.30 11.20
C ALA A 25 1.61 -10.11 12.37
N LEU A 26 2.90 -9.92 12.69
CA LEU A 26 3.54 -10.61 13.80
C LEU A 26 2.93 -10.19 15.13
N LEU A 27 2.58 -8.90 15.29
CA LEU A 27 2.01 -8.44 16.55
C LEU A 27 0.61 -9.01 16.72
N PHE A 28 -0.17 -9.04 15.62
CA PHE A 28 -1.50 -9.64 15.68
C PHE A 28 -1.38 -11.08 16.15
N LYS A 29 -0.44 -11.84 15.57
CA LYS A 29 -0.21 -13.20 16.02
C LYS A 29 0.11 -13.25 17.52
N LYS A 30 1.06 -12.42 17.96
CA LYS A 30 1.48 -12.47 19.35
C LYS A 30 0.32 -12.20 20.30
N LEU A 31 -0.41 -11.11 20.05
CA LEU A 31 -1.48 -10.71 20.96
C LEU A 31 -2.64 -11.71 20.93
N VAL A 32 -2.99 -12.22 19.75
CA VAL A 32 -4.09 -13.17 19.69
C VAL A 32 -3.72 -14.44 20.43
N GLU A 33 -2.49 -14.93 20.21
CA GLU A 33 -2.09 -16.19 20.83
C GLU A 33 -1.98 -16.05 22.34
N GLN A 34 -1.58 -14.87 22.83
N GLN A 34 -1.53 -14.89 22.81
CA GLN A 34 -1.43 -14.66 24.27
CA GLN A 34 -1.44 -14.65 24.24
C GLN A 34 -2.78 -14.43 24.95
C GLN A 34 -2.83 -14.55 24.84
N ARG A 35 -3.63 -13.61 24.34
CA ARG A 35 -4.89 -13.23 24.96
C ARG A 35 -5.96 -14.31 24.85
N LEU A 36 -5.98 -15.08 23.77
CA LEU A 36 -7.03 -16.09 23.58
C LEU A 36 -6.56 -17.49 23.98
N GLY A 37 -5.35 -17.59 24.53
CA GLY A 37 -4.86 -18.82 25.13
C GLY A 37 -4.69 -19.98 24.15
N GLY A 38 -4.47 -19.67 22.87
CA GLY A 38 -4.21 -20.71 21.89
C GLY A 38 -5.46 -21.18 21.17
N ARG A 39 -6.65 -20.66 21.54
CA ARG A 39 -7.90 -21.02 20.89
C ARG A 39 -7.86 -20.62 19.41
N VAL A 40 -7.16 -19.52 19.12
CA VAL A 40 -6.96 -19.04 17.76
C VAL A 40 -5.45 -19.09 17.49
N GLU A 41 -5.08 -19.76 16.40
CA GLU A 41 -3.71 -19.80 15.95
C GLU A 41 -3.58 -18.88 14.74
N VAL A 42 -2.53 -18.07 14.71
CA VAL A 42 -2.28 -17.18 13.60
C VAL A 42 -0.95 -17.60 12.98
N ASP A 43 -1.00 -18.05 11.72
CA ASP A 43 0.17 -18.48 10.99
C ASP A 43 0.48 -17.38 9.98
N VAL A 44 1.61 -16.70 10.18
CA VAL A 44 2.01 -15.57 9.36
C VAL A 44 3.01 -16.02 8.31
N TYR A 45 2.72 -15.66 7.05
CA TYR A 45 3.56 -16.00 5.91
C TYR A 45 3.98 -14.72 5.19
N PRO A 46 5.21 -14.23 5.45
CA PRO A 46 5.71 -13.03 4.78
C PRO A 46 6.31 -13.32 3.42
N ASN A 47 6.69 -12.25 2.73
CA ASN A 47 7.48 -12.34 1.51
C ASN A 47 6.85 -13.23 0.44
N SER A 48 5.52 -13.28 0.37
CA SER A 48 4.81 -14.06 -0.64
C SER A 48 5.06 -15.57 -0.49
N SER A 49 5.51 -16.00 0.71
CA SER A 49 5.86 -17.40 0.92
C SER A 49 4.67 -18.34 0.78
N LEU A 50 3.46 -17.86 1.09
CA LEU A 50 2.27 -18.68 0.90
C LEU A 50 1.62 -18.31 -0.44
N PHE A 51 1.23 -17.05 -0.59
CA PHE A 51 0.66 -16.54 -1.83
C PHE A 51 1.21 -15.14 -2.10
N GLY A 52 1.42 -14.84 -3.40
CA GLY A 52 1.88 -13.53 -3.85
C GLY A 52 0.72 -12.67 -4.33
N ASP A 53 1.06 -11.54 -4.95
CA ASP A 53 0.07 -10.61 -5.47
C ASP A 53 -0.92 -11.34 -6.40
N GLY A 54 -2.19 -10.94 -6.30
CA GLY A 54 -3.23 -11.48 -7.16
C GLY A 54 -3.71 -12.84 -6.68
N LYS A 55 -2.80 -13.81 -6.71
CA LYS A 55 -3.06 -15.17 -6.24
C LYS A 55 -3.62 -15.15 -4.80
N GLU A 56 -3.16 -14.19 -3.99
CA GLU A 56 -3.62 -14.13 -2.60
C GLU A 56 -5.13 -13.92 -2.50
N MET A 57 -5.69 -13.10 -3.40
N MET A 57 -5.70 -13.08 -3.38
CA MET A 57 -7.10 -12.77 -3.41
CA MET A 57 -7.13 -12.79 -3.37
C MET A 57 -7.93 -13.98 -3.87
C MET A 57 -7.93 -13.99 -3.86
N GLU A 58 -7.42 -14.64 -4.91
CA GLU A 58 -8.04 -15.86 -5.40
C GLU A 58 -8.15 -16.86 -4.25
N ALA A 59 -7.07 -16.99 -3.48
CA ALA A 59 -7.01 -17.91 -2.36
C ALA A 59 -7.98 -17.51 -1.26
N LEU A 60 -8.08 -16.21 -0.97
CA LEU A 60 -8.98 -15.74 0.08
C LEU A 60 -10.42 -16.12 -0.26
N LEU A 61 -10.82 -15.93 -1.53
CA LEU A 61 -12.18 -16.26 -1.94
C LEU A 61 -12.47 -17.76 -1.81
N LEU A 62 -11.45 -18.60 -2.02
CA LEU A 62 -11.62 -20.05 -1.94
C LEU A 62 -11.47 -20.59 -0.53
N GLY A 63 -11.01 -19.76 0.41
CA GLY A 63 -10.82 -20.21 1.79
C GLY A 63 -9.48 -20.89 2.02
N ASP A 64 -8.49 -20.64 1.15
CA ASP A 64 -7.15 -21.20 1.30
C ASP A 64 -6.28 -20.29 2.16
N VAL A 65 -6.81 -19.11 2.53
CA VAL A 65 -6.15 -18.18 3.43
C VAL A 65 -7.26 -17.38 4.11
N GLN A 66 -7.01 -16.85 5.30
CA GLN A 66 -8.06 -16.19 6.07
C GLN A 66 -7.86 -14.69 6.23
N MET A 67 -6.63 -14.21 6.14
CA MET A 67 -6.38 -12.80 6.38
C MET A 67 -5.28 -12.33 5.44
N LEU A 68 -5.50 -11.13 4.88
CA LEU A 68 -4.54 -10.48 3.98
C LEU A 68 -4.53 -9.00 4.35
N ALA A 69 -3.55 -8.26 3.81
CA ALA A 69 -3.56 -6.81 3.96
C ALA A 69 -2.94 -6.19 2.71
N PRO A 70 -3.59 -6.34 1.54
CA PRO A 70 -3.04 -5.81 0.30
C PRO A 70 -3.04 -4.29 0.25
N SER A 71 -2.10 -3.78 -0.54
CA SER A 71 -2.10 -2.37 -0.92
C SER A 71 -3.48 -1.99 -1.49
N LEU A 72 -3.93 -0.78 -1.15
CA LEU A 72 -5.20 -0.26 -1.66
C LEU A 72 -5.21 -0.12 -3.17
N ALA A 73 -4.04 -0.23 -3.82
CA ALA A 73 -3.95 -0.15 -5.27
C ALA A 73 -4.34 -1.47 -5.96
N LYS A 74 -4.61 -2.53 -5.19
CA LYS A 74 -4.75 -3.85 -5.80
C LYS A 74 -6.18 -4.39 -5.78
N PHE A 75 -7.18 -3.51 -5.68
CA PHE A 75 -8.54 -3.97 -5.52
C PHE A 75 -9.48 -3.70 -6.69
N GLU A 76 -8.98 -3.26 -7.86
CA GLU A 76 -9.87 -2.84 -8.94
C GLU A 76 -10.80 -3.95 -9.44
N GLN A 77 -10.42 -5.22 -9.30
CA GLN A 77 -11.24 -6.32 -9.78
C GLN A 77 -12.40 -6.63 -8.84
N TYR A 78 -12.42 -5.97 -7.67
CA TYR A 78 -13.43 -6.25 -6.65
C TYR A 78 -14.34 -5.03 -6.45
N THR A 79 -13.79 -3.83 -6.65
CA THR A 79 -14.53 -2.59 -6.56
C THR A 79 -13.74 -1.54 -7.34
N ARG A 80 -14.43 -0.56 -7.91
CA ARG A 80 -13.73 0.49 -8.62
C ARG A 80 -13.65 1.75 -7.74
N LYS A 81 -14.13 1.68 -6.50
CA LYS A 81 -14.15 2.84 -5.64
C LYS A 81 -12.82 3.04 -4.92
N VAL A 82 -12.15 1.94 -4.56
CA VAL A 82 -10.93 2.02 -3.77
C VAL A 82 -9.77 2.60 -4.59
N GLN A 83 -9.94 2.66 -5.92
CA GLN A 83 -8.99 3.29 -6.81
C GLN A 83 -8.67 4.73 -6.39
N ILE A 84 -9.56 5.37 -5.65
N ILE A 84 -9.57 5.35 -5.63
CA ILE A 84 -9.32 6.73 -5.27
CA ILE A 84 -9.43 6.71 -5.11
C ILE A 84 -7.96 6.84 -4.57
C ILE A 84 -8.06 6.88 -4.46
N PHE A 85 -7.58 5.84 -3.78
CA PHE A 85 -6.33 5.90 -3.03
C PHE A 85 -5.08 5.95 -3.92
N ASP A 86 -5.22 5.61 -5.21
CA ASP A 86 -4.07 5.59 -6.11
C ASP A 86 -3.87 6.89 -6.88
N LEU A 87 -4.82 7.82 -6.83
CA LEU A 87 -4.71 9.03 -7.63
C LEU A 87 -3.52 9.87 -7.18
N PRO A 88 -2.62 10.29 -8.09
CA PRO A 88 -1.43 11.02 -7.68
C PRO A 88 -1.73 12.41 -7.13
N PHE A 89 -1.03 12.74 -6.04
CA PHE A 89 -1.13 14.05 -5.40
C PHE A 89 -2.52 14.34 -4.83
N LEU A 90 -3.33 13.31 -4.63
CA LEU A 90 -4.64 13.53 -4.04
C LEU A 90 -4.50 13.86 -2.56
N PHE A 91 -3.64 13.12 -1.86
CA PHE A 91 -3.42 13.30 -0.43
C PHE A 91 -2.04 13.93 -0.21
N ASP A 92 -1.98 14.99 0.59
CA ASP A 92 -0.73 15.69 0.85
C ASP A 92 0.23 14.81 1.65
N ASP A 93 -0.32 14.02 2.59
CA ASP A 93 0.48 13.24 3.51
C ASP A 93 -0.42 12.21 4.17
N ILE A 94 0.17 11.40 5.04
CA ILE A 94 -0.56 10.32 5.66
C ILE A 94 -1.63 10.84 6.61
N GLN A 95 -1.41 12.01 7.22
N GLN A 95 -1.43 12.02 7.19
CA GLN A 95 -2.41 12.59 8.10
CA GLN A 95 -2.42 12.58 8.09
C GLN A 95 -3.71 12.85 7.32
C GLN A 95 -3.71 12.86 7.33
N ALA A 96 -3.58 13.28 6.06
CA ALA A 96 -4.74 13.53 5.22
C ALA A 96 -5.48 12.23 4.90
N VAL A 97 -4.73 11.20 4.48
N VAL A 97 -4.72 11.20 4.50
CA VAL A 97 -5.41 9.98 4.07
CA VAL A 97 -5.34 9.94 4.10
C VAL A 97 -6.09 9.37 5.30
C VAL A 97 -6.10 9.38 5.30
N ASP A 98 -5.51 9.57 6.48
CA ASP A 98 -6.11 9.06 7.71
C ASP A 98 -7.47 9.72 7.95
N ARG A 99 -7.55 11.05 7.79
CA ARG A 99 -8.82 11.74 7.94
C ARG A 99 -9.85 11.21 6.96
N PHE A 100 -9.43 10.98 5.71
CA PHE A 100 -10.33 10.47 4.70
C PHE A 100 -10.83 9.08 5.10
N GLN A 101 -9.93 8.24 5.61
CA GLN A 101 -10.28 6.87 5.98
C GLN A 101 -11.28 6.84 7.12
N ARG A 102 -11.25 7.87 7.98
N ARG A 102 -11.25 7.86 7.99
CA ARG A 102 -12.13 7.93 9.14
CA ARG A 102 -12.13 7.91 9.14
C ARG A 102 -13.46 8.62 8.83
C ARG A 102 -13.48 8.55 8.80
N SER A 103 -13.61 9.16 7.61
CA SER A 103 -14.86 9.80 7.20
C SER A 103 -15.93 8.73 7.00
N PRO A 104 -17.24 9.09 6.93
CA PRO A 104 -18.28 8.09 6.68
C PRO A 104 -18.00 7.29 5.40
N GLN A 105 -17.57 8.00 4.35
CA GLN A 105 -17.31 7.34 3.08
C GLN A 105 -16.08 6.44 3.18
N GLY A 106 -15.05 6.90 3.90
CA GLY A 106 -13.84 6.10 4.07
C GLY A 106 -14.13 4.83 4.85
N ARG A 107 -14.96 4.93 5.88
CA ARG A 107 -15.34 3.76 6.66
C ARG A 107 -16.15 2.82 5.76
N ALA A 108 -17.01 3.37 4.91
CA ALA A 108 -17.86 2.56 4.05
C ALA A 108 -17.03 1.72 3.06
N LEU A 109 -15.87 2.21 2.65
CA LEU A 109 -15.04 1.48 1.70
C LEU A 109 -14.59 0.14 2.26
N LEU A 110 -14.54 0.00 3.60
CA LEU A 110 -14.16 -1.27 4.20
C LEU A 110 -15.18 -2.37 3.87
N THR A 111 -16.42 -1.96 3.50
CA THR A 111 -17.49 -2.90 3.18
C THR A 111 -17.74 -2.96 1.67
N SER A 112 -16.93 -2.25 0.88
CA SER A 112 -17.18 -2.09 -0.54
C SER A 112 -17.11 -3.40 -1.34
N MET A 113 -16.51 -4.43 -0.75
CA MET A 113 -16.33 -5.71 -1.45
C MET A 113 -17.13 -6.81 -0.75
N GLN A 114 -18.03 -6.44 0.17
CA GLN A 114 -18.79 -7.42 0.94
C GLN A 114 -19.64 -8.30 0.03
N GLY A 115 -20.14 -7.72 -1.07
CA GLY A 115 -20.99 -8.47 -2.00
C GLY A 115 -20.23 -9.58 -2.71
N LYS A 116 -18.88 -9.49 -2.68
CA LYS A 116 -18.03 -10.47 -3.32
C LYS A 116 -17.42 -11.43 -2.30
N GLY A 117 -17.78 -11.26 -1.02
CA GLY A 117 -17.36 -12.16 0.05
C GLY A 117 -16.11 -11.71 0.81
N ILE A 118 -15.74 -10.43 0.68
CA ILE A 118 -14.54 -9.86 1.28
C ILE A 118 -14.93 -8.80 2.30
N LEU A 119 -14.38 -8.89 3.50
N LEU A 119 -14.41 -8.92 3.53
CA LEU A 119 -14.68 -7.94 4.56
CA LEU A 119 -14.69 -7.97 4.59
C LEU A 119 -13.42 -7.20 4.99
C LEU A 119 -13.40 -7.20 4.91
N GLY A 120 -13.50 -5.86 5.00
CA GLY A 120 -12.40 -5.04 5.44
C GLY A 120 -12.48 -4.84 6.96
N LEU A 121 -11.35 -5.04 7.64
CA LEU A 121 -11.30 -4.96 9.09
C LEU A 121 -10.56 -3.73 9.61
N ALA A 122 -9.66 -3.17 8.79
CA ALA A 122 -8.84 -2.06 9.25
C ALA A 122 -8.10 -1.45 8.09
N TYR A 123 -7.66 -0.22 8.28
CA TYR A 123 -6.68 0.41 7.40
C TYR A 123 -5.35 0.47 8.13
N TRP A 124 -4.26 0.06 7.46
CA TRP A 124 -2.90 0.17 8.00
C TRP A 124 -2.09 1.09 7.12
N HIS A 125 -1.36 2.02 7.74
CA HIS A 125 -0.53 2.91 6.94
C HIS A 125 0.84 2.30 6.64
N ASN A 126 1.39 2.68 5.45
CA ASN A 126 2.79 2.47 5.17
C ASN A 126 3.42 3.86 5.07
N GLY A 127 3.24 4.53 3.94
CA GLY A 127 3.78 5.86 3.80
C GLY A 127 3.60 6.40 2.38
N MET A 128 4.25 7.53 2.11
CA MET A 128 4.14 8.14 0.81
C MET A 128 5.06 7.43 -0.18
N LYS A 129 4.72 7.52 -1.47
CA LYS A 129 5.53 6.93 -2.52
C LYS A 129 6.52 7.96 -3.08
N GLN A 130 7.71 7.43 -3.38
CA GLN A 130 8.79 8.16 -4.02
C GLN A 130 9.03 7.52 -5.38
N LEU A 131 9.83 8.20 -6.22
CA LEU A 131 10.23 7.70 -7.53
C LEU A 131 11.66 7.23 -7.51
N SER A 132 11.97 6.23 -8.35
CA SER A 132 13.33 5.76 -8.48
C SER A 132 13.60 5.39 -9.95
N ALA A 133 14.87 5.46 -10.34
CA ALA A 133 15.33 5.07 -11.66
C ALA A 133 16.84 4.99 -11.66
N ASN A 134 17.43 4.67 -12.82
CA ASN A 134 18.88 4.68 -12.93
C ASN A 134 19.37 5.98 -13.57
N ARG A 135 18.48 6.96 -13.69
CA ARG A 135 18.86 8.29 -14.11
C ARG A 135 18.12 9.27 -13.23
N PRO A 136 18.58 10.54 -13.11
CA PRO A 136 17.87 11.52 -12.29
C PRO A 136 16.45 11.80 -12.79
N LEU A 137 15.52 11.95 -11.84
CA LEU A 137 14.15 12.33 -12.14
C LEU A 137 13.88 13.65 -11.44
N LEU A 138 14.32 14.75 -12.07
CA LEU A 138 14.20 16.06 -11.44
C LEU A 138 12.93 16.77 -11.90
N GLU A 139 12.62 16.66 -13.18
N GLU A 139 12.64 16.66 -13.20
CA GLU A 139 11.42 17.27 -13.74
CA GLU A 139 11.47 17.27 -13.80
C GLU A 139 10.66 16.19 -14.50
C GLU A 139 10.66 16.18 -14.50
N PRO A 140 9.33 16.35 -14.68
CA PRO A 140 8.51 15.32 -15.33
C PRO A 140 8.99 14.82 -16.69
N GLU A 141 9.62 15.70 -17.49
N GLU A 141 9.62 15.68 -17.50
CA GLU A 141 10.09 15.31 -18.81
CA GLU A 141 10.06 15.24 -18.82
C GLU A 141 11.15 14.21 -18.70
C GLU A 141 11.14 14.17 -18.70
N ASP A 142 11.82 14.13 -17.54
CA ASP A 142 12.87 13.15 -17.32
C ASP A 142 12.33 11.71 -17.29
N ALA A 143 11.03 11.54 -17.03
CA ALA A 143 10.44 10.22 -16.98
C ALA A 143 10.09 9.68 -18.37
N ARG A 144 10.10 10.54 -19.39
CA ARG A 144 9.67 10.14 -20.72
C ARG A 144 10.50 8.99 -21.27
N GLY A 145 9.81 7.96 -21.76
CA GLY A 145 10.46 6.82 -22.41
C GLY A 145 11.02 5.78 -21.43
N LEU A 146 10.95 6.03 -20.13
CA LEU A 146 11.44 5.06 -19.17
C LEU A 146 10.35 4.01 -18.94
N LYS A 147 10.80 2.83 -18.49
CA LYS A 147 9.92 1.73 -18.14
C LYS A 147 9.81 1.63 -16.62
N PHE A 148 8.61 1.87 -16.09
CA PHE A 148 8.38 1.82 -14.65
C PHE A 148 7.57 0.59 -14.27
N ARG A 149 8.03 -0.10 -13.22
CA ARG A 149 7.23 -1.14 -12.62
C ARG A 149 6.15 -0.48 -11.77
N VAL A 150 4.92 -0.99 -11.93
CA VAL A 150 3.83 -0.58 -11.07
C VAL A 150 3.15 -1.82 -10.50
N GLN A 151 2.46 -1.60 -9.38
CA GLN A 151 1.50 -2.58 -8.88
C GLN A 151 0.44 -2.80 -9.96
N ALA A 152 -0.29 -3.91 -9.85
CA ALA A 152 -1.35 -4.23 -10.80
C ALA A 152 -2.55 -3.32 -10.56
N SER A 153 -2.46 -2.12 -11.12
CA SER A 153 -3.42 -1.04 -10.96
C SER A 153 -3.56 -0.26 -12.27
N ASP A 154 -4.80 -0.13 -12.75
N ASP A 154 -4.80 -0.14 -12.78
CA ASP A 154 -5.09 0.64 -13.95
CA ASP A 154 -5.04 0.65 -13.96
C ASP A 154 -4.73 2.11 -13.72
C ASP A 154 -4.66 2.11 -13.70
N VAL A 155 -4.97 2.62 -12.50
CA VAL A 155 -4.67 4.01 -12.20
C VAL A 155 -3.17 4.24 -12.33
N LEU A 156 -2.36 3.34 -11.76
CA LEU A 156 -0.92 3.54 -11.75
C LEU A 156 -0.34 3.36 -13.15
N ASN A 157 -0.92 2.44 -13.93
N ASN A 157 -0.96 2.49 -13.94
CA ASN A 157 -0.52 2.31 -15.32
CA ASN A 157 -0.54 2.29 -15.32
C ASN A 157 -0.72 3.65 -16.02
C ASN A 157 -0.76 3.60 -16.09
N GLU A 158 -1.94 4.20 -15.89
CA GLU A 158 -2.28 5.45 -16.56
C GLU A 158 -1.45 6.62 -16.04
N GLN A 159 -1.05 6.57 -14.78
CA GLN A 159 -0.23 7.63 -14.20
C GLN A 159 1.07 7.77 -14.99
N PHE A 160 1.73 6.64 -15.28
CA PHE A 160 2.98 6.71 -16.00
C PHE A 160 2.74 6.97 -17.49
N ARG A 161 1.66 6.46 -18.06
CA ARG A 161 1.34 6.77 -19.44
C ARG A 161 1.15 8.28 -19.62
N GLN A 162 0.54 8.95 -18.62
CA GLN A 162 0.33 10.38 -18.66
C GLN A 162 1.67 11.14 -18.78
N LEU A 163 2.73 10.56 -18.21
CA LEU A 163 4.08 11.12 -18.26
C LEU A 163 4.82 10.69 -19.53
N ARG A 164 4.14 9.98 -20.44
CA ARG A 164 4.75 9.46 -21.66
C ARG A 164 5.85 8.45 -21.30
N ALA A 165 5.62 7.73 -20.21
CA ALA A 165 6.49 6.63 -19.82
C ALA A 165 5.75 5.32 -20.11
N ILE A 166 6.48 4.22 -19.98
CA ILE A 166 5.95 2.88 -20.19
C ILE A 166 5.71 2.27 -18.81
N SER A 167 4.55 1.63 -18.63
CA SER A 167 4.23 0.97 -17.37
C SER A 167 4.27 -0.53 -17.56
N ARG A 168 4.78 -1.22 -16.55
CA ARG A 168 4.78 -2.68 -16.53
C ARG A 168 4.23 -3.12 -15.17
N LYS A 169 3.04 -3.71 -15.18
CA LYS A 169 2.47 -4.26 -13.96
C LYS A 169 3.21 -5.55 -13.63
N MET A 170 3.79 -5.61 -12.41
N MET A 170 3.76 -5.60 -12.41
CA MET A 170 4.54 -6.78 -11.99
CA MET A 170 4.50 -6.76 -11.96
C MET A 170 4.31 -7.01 -10.50
C MET A 170 4.17 -7.01 -10.50
N SER A 171 4.24 -8.28 -10.11
CA SER A 171 4.07 -8.65 -8.71
C SER A 171 5.26 -8.12 -7.90
N PHE A 172 5.00 -7.77 -6.64
CA PHE A 172 6.01 -7.18 -5.78
C PHE A 172 7.27 -8.03 -5.68
N ALA A 173 7.11 -9.35 -5.64
CA ALA A 173 8.25 -10.25 -5.49
C ALA A 173 9.26 -10.11 -6.63
N GLU A 174 8.80 -9.65 -7.79
CA GLU A 174 9.63 -9.65 -8.98
C GLU A 174 10.31 -8.31 -9.25
N VAL A 175 10.11 -7.31 -8.40
CA VAL A 175 10.62 -5.97 -8.70
C VAL A 175 12.15 -5.93 -8.74
N TYR A 176 12.82 -6.49 -7.74
CA TYR A 176 14.26 -6.42 -7.68
C TYR A 176 14.88 -6.98 -8.96
N GLN A 177 14.46 -8.19 -9.35
CA GLN A 177 15.02 -8.82 -10.53
C GLN A 177 14.67 -8.04 -11.80
N GLY A 178 13.44 -7.51 -11.87
CA GLY A 178 13.03 -6.72 -13.02
C GLY A 178 13.97 -5.55 -13.25
N LEU A 179 14.32 -4.85 -12.17
CA LEU A 179 15.20 -3.70 -12.25
C LEU A 179 16.64 -4.13 -12.51
N GLN A 180 17.09 -5.19 -11.83
N GLN A 180 17.08 -5.22 -11.87
CA GLN A 180 18.45 -5.67 -11.99
CA GLN A 180 18.45 -5.70 -11.96
C GLN A 180 18.72 -6.01 -13.45
C GLN A 180 18.77 -6.17 -13.37
N THR A 181 17.77 -6.71 -14.08
CA THR A 181 17.94 -7.23 -15.43
C THR A 181 17.48 -6.27 -16.53
N GLY A 182 16.92 -5.12 -16.16
CA GLY A 182 16.58 -4.10 -17.14
C GLY A 182 15.21 -4.28 -17.81
N VAL A 183 14.38 -5.22 -17.33
CA VAL A 183 13.02 -5.34 -17.83
C VAL A 183 12.32 -4.01 -17.59
N VAL A 184 12.65 -3.39 -16.44
CA VAL A 184 12.17 -2.07 -16.06
C VAL A 184 13.38 -1.24 -15.66
N ASN A 185 13.22 0.10 -15.78
CA ASN A 185 14.23 1.11 -15.49
C ASN A 185 14.03 1.74 -14.12
N GLY A 186 12.77 1.86 -13.71
CA GLY A 186 12.46 2.56 -12.47
C GLY A 186 11.16 2.04 -11.88
N THR A 187 10.75 2.63 -10.75
CA THR A 187 9.50 2.27 -10.10
C THR A 187 9.13 3.38 -9.12
N GLU A 188 8.15 3.08 -8.27
CA GLU A 188 7.68 3.97 -7.22
C GLU A 188 7.37 3.13 -6.00
N ASN A 189 7.72 3.63 -4.80
CA ASN A 189 7.37 2.85 -3.62
C ASN A 189 7.72 3.67 -2.38
N THR A 190 7.43 3.13 -1.20
CA THR A 190 7.82 3.77 0.05
C THR A 190 9.29 3.43 0.36
N TRP A 191 9.93 4.29 1.16
CA TRP A 191 11.31 4.03 1.57
C TRP A 191 11.45 2.63 2.18
N SER A 192 10.49 2.26 3.04
CA SER A 192 10.51 0.97 3.72
C SER A 192 10.57 -0.19 2.72
N ASN A 193 9.71 -0.15 1.70
CA ASN A 193 9.70 -1.23 0.73
C ASN A 193 10.99 -1.22 -0.09
N TYR A 194 11.50 -0.03 -0.42
CA TYR A 194 12.74 0.03 -1.19
C TYR A 194 13.91 -0.60 -0.43
N GLU A 195 14.10 -0.19 0.82
CA GLU A 195 15.28 -0.63 1.56
C GLU A 195 15.15 -2.08 2.01
N SER A 196 13.94 -2.50 2.43
CA SER A 196 13.76 -3.85 2.96
C SER A 196 13.91 -4.92 1.89
N GLN A 197 13.74 -4.55 0.61
CA GLN A 197 13.91 -5.49 -0.50
C GLN A 197 15.22 -5.23 -1.24
N LYS A 198 16.02 -4.28 -0.73
CA LYS A 198 17.33 -3.94 -1.25
C LYS A 198 17.27 -3.36 -2.66
N VAL A 199 16.13 -2.77 -3.02
CA VAL A 199 15.96 -2.25 -4.37
C VAL A 199 16.84 -1.03 -4.59
N ASN A 200 17.28 -0.38 -3.50
CA ASN A 200 18.25 0.71 -3.65
C ASN A 200 19.55 0.21 -4.29
N GLU A 201 19.84 -1.09 -4.18
CA GLU A 201 21.05 -1.64 -4.78
C GLU A 201 20.99 -1.64 -6.30
N VAL A 202 19.78 -1.53 -6.87
CA VAL A 202 19.61 -1.56 -8.32
C VAL A 202 18.90 -0.31 -8.83
N GLN A 203 18.94 0.77 -8.03
CA GLN A 203 18.41 2.07 -8.44
C GLN A 203 19.39 3.14 -7.97
N LYS A 204 20.02 3.84 -8.92
CA LYS A 204 21.04 4.83 -8.62
C LYS A 204 20.45 6.15 -8.13
N TYR A 205 19.19 6.43 -8.46
CA TYR A 205 18.58 7.70 -8.12
C TYR A 205 17.17 7.54 -7.56
N PHE A 206 16.88 8.35 -6.55
CA PHE A 206 15.56 8.46 -5.95
C PHE A 206 15.16 9.93 -5.96
N THR A 207 13.87 10.18 -6.20
CA THR A 207 13.30 11.51 -6.04
C THR A 207 12.23 11.43 -4.95
N GLU A 208 12.36 12.28 -3.93
CA GLU A 208 11.39 12.33 -2.84
C GLU A 208 10.22 13.19 -3.29
N SER A 209 9.35 12.58 -4.09
CA SER A 209 8.21 13.22 -4.72
C SER A 209 6.95 13.23 -3.85
N ASN A 210 6.78 12.25 -2.96
CA ASN A 210 5.57 12.11 -2.17
C ASN A 210 4.35 12.25 -3.08
N HIS A 211 4.37 11.56 -4.23
CA HIS A 211 3.36 11.78 -5.26
C HIS A 211 2.15 10.85 -5.13
N GLY A 212 2.21 9.92 -4.18
CA GLY A 212 1.12 9.00 -3.94
C GLY A 212 1.38 8.31 -2.62
N LEU A 213 0.66 7.21 -2.36
CA LEU A 213 0.89 6.56 -1.08
C LEU A 213 0.65 5.06 -1.21
N VAL A 214 1.17 4.38 -0.19
CA VAL A 214 0.92 2.96 0.03
C VAL A 214 0.28 2.84 1.41
N ASP A 215 -0.97 2.39 1.41
CA ASP A 215 -1.69 2.00 2.60
C ASP A 215 -2.33 0.64 2.30
N TYR A 216 -2.81 0.00 3.37
CA TYR A 216 -3.35 -1.33 3.24
C TYR A 216 -4.75 -1.43 3.81
N MET A 217 -5.53 -2.35 3.26
CA MET A 217 -6.78 -2.74 3.87
C MET A 217 -6.61 -4.16 4.38
N VAL A 218 -6.70 -4.33 5.70
CA VAL A 218 -6.69 -5.66 6.29
C VAL A 218 -8.05 -6.27 5.94
N ILE A 219 -8.03 -7.47 5.32
CA ILE A 219 -9.26 -8.08 4.85
C ILE A 219 -9.32 -9.54 5.28
N THR A 220 -10.55 -10.07 5.30
CA THR A 220 -10.80 -11.46 5.60
C THR A 220 -11.93 -11.95 4.70
N ASN A 221 -12.11 -13.27 4.74
CA ASN A 221 -13.19 -13.96 4.06
C ASN A 221 -14.43 -13.83 4.96
N ALA A 222 -15.53 -13.32 4.39
CA ALA A 222 -16.74 -13.06 5.14
C ALA A 222 -17.31 -14.31 5.78
N LYS A 223 -17.33 -15.42 5.04
CA LYS A 223 -17.88 -16.68 5.53
C LYS A 223 -17.11 -17.11 6.78
N PHE A 224 -15.78 -17.05 6.71
CA PHE A 224 -14.95 -17.41 7.83
C PHE A 224 -15.20 -16.50 9.04
N TRP A 225 -15.15 -15.19 8.80
CA TRP A 225 -15.24 -14.22 9.88
C TRP A 225 -16.59 -14.31 10.57
N ASN A 226 -17.66 -14.39 9.78
CA ASN A 226 -19.01 -14.46 10.32
C ASN A 226 -19.27 -15.81 10.99
N GLY A 227 -18.48 -16.84 10.64
CA GLY A 227 -18.65 -18.18 11.22
C GLY A 227 -17.98 -18.34 12.59
N LEU A 228 -17.23 -17.33 13.01
CA LEU A 228 -16.57 -17.36 14.31
C LEU A 228 -17.59 -17.14 15.41
N PRO A 229 -17.36 -17.65 16.64
CA PRO A 229 -18.21 -17.29 17.77
C PRO A 229 -18.13 -15.76 17.94
N ALA A 230 -19.26 -15.13 18.27
CA ALA A 230 -19.33 -13.67 18.35
C ALA A 230 -18.33 -13.11 19.35
N ASP A 231 -18.19 -13.74 20.53
CA ASP A 231 -17.26 -13.23 21.53
C ASP A 231 -15.83 -13.24 21.00
N ILE A 232 -15.46 -14.27 20.26
CA ILE A 232 -14.11 -14.37 19.70
C ILE A 232 -13.94 -13.34 18.58
N ARG A 233 -14.91 -13.25 17.69
CA ARG A 233 -14.82 -12.28 16.61
C ARG A 233 -14.63 -10.87 17.18
N GLU A 234 -15.44 -10.51 18.18
CA GLU A 234 -15.38 -9.17 18.74
C GLU A 234 -14.02 -8.90 19.39
N GLU A 235 -13.47 -9.92 20.07
CA GLU A 235 -12.17 -9.71 20.71
C GLU A 235 -11.08 -9.59 19.64
N LEU A 236 -11.16 -10.41 18.58
CA LEU A 236 -10.19 -10.33 17.50
C LEU A 236 -10.22 -8.92 16.89
N GLN A 237 -11.41 -8.33 16.75
CA GLN A 237 -11.50 -6.99 16.18
C GLN A 237 -10.88 -5.96 17.14
N ARG A 238 -11.10 -6.11 18.46
CA ARG A 238 -10.51 -5.19 19.41
C ARG A 238 -8.98 -5.29 19.33
N ILE A 239 -8.47 -6.52 19.21
CA ILE A 239 -7.03 -6.72 19.11
C ILE A 239 -6.52 -6.09 17.81
N MET A 240 -7.26 -6.29 16.72
CA MET A 240 -6.89 -5.70 15.45
C MET A 240 -6.79 -4.19 15.59
N ASP A 241 -7.72 -3.57 16.33
CA ASP A 241 -7.71 -2.13 16.55
C ASP A 241 -6.44 -1.69 17.27
N GLU A 242 -6.02 -2.46 18.29
CA GLU A 242 -4.79 -2.15 19.00
C GLU A 242 -3.58 -2.30 18.09
N VAL A 243 -3.58 -3.32 17.23
CA VAL A 243 -2.47 -3.54 16.32
C VAL A 243 -2.39 -2.39 15.32
N THR A 244 -3.55 -1.93 14.82
CA THR A 244 -3.58 -0.83 13.87
C THR A 244 -2.87 0.40 14.46
N VAL A 245 -3.13 0.70 15.74
CA VAL A 245 -2.48 1.83 16.38
C VAL A 245 -0.97 1.65 16.31
N GLN A 246 -0.49 0.44 16.63
CA GLN A 246 0.93 0.14 16.67
C GLN A 246 1.56 0.25 15.29
N VAL A 247 0.90 -0.32 14.28
CA VAL A 247 1.40 -0.27 12.92
C VAL A 247 1.57 1.17 12.48
N ASN A 248 0.58 2.02 12.73
N ASN A 248 0.55 1.98 12.77
CA ASN A 248 0.67 3.38 12.26
CA ASN A 248 0.47 3.38 12.35
C ASN A 248 1.93 4.06 12.83
C ASN A 248 1.39 4.28 13.17
N LEU A 249 2.33 3.68 14.06
N LEU A 249 1.66 3.91 14.44
CA LEU A 249 3.52 4.22 14.69
CA LEU A 249 2.55 4.71 15.28
C LEU A 249 4.78 3.66 14.01
C LEU A 249 3.99 4.56 14.83
N GLU A 250 4.78 2.34 13.79
N GLU A 250 4.32 3.42 14.22
CA GLU A 250 5.89 1.65 13.17
CA GLU A 250 5.70 3.12 13.88
C GLU A 250 6.17 2.21 11.78
C GLU A 250 5.97 3.31 12.40
N ALA A 251 5.09 2.54 11.04
N ALA A 251 4.92 3.43 11.58
CA ALA A 251 5.20 3.02 9.68
CA ALA A 251 5.05 3.49 10.14
C ALA A 251 6.03 4.30 9.58
C ALA A 251 6.02 4.58 9.70
N GLU A 252 5.75 5.27 10.45
N GLU A 252 5.92 5.76 10.32
CA GLU A 252 6.42 6.55 10.40
CA GLU A 252 6.78 6.87 9.95
C GLU A 252 7.94 6.39 10.57
C GLU A 252 8.22 6.53 10.33
N ARG A 253 8.34 5.66 11.62
N ARG A 253 8.37 5.86 11.47
CA ARG A 253 9.74 5.56 11.94
CA ARG A 253 9.67 5.47 12.01
C ARG A 253 10.46 4.57 11.02
C ARG A 253 10.42 4.60 11.03
N LEU A 254 9.79 3.50 10.61
CA LEU A 254 10.42 2.53 9.72
C LEU A 254 10.75 3.18 8.36
N ASN A 255 9.86 4.03 7.85
CA ASN A 255 10.15 4.71 6.60
C ASN A 255 11.34 5.67 6.76
N ARG A 256 11.37 6.39 7.88
CA ARG A 256 12.46 7.31 8.15
C ARG A 256 13.80 6.58 8.20
N ASP A 257 13.83 5.48 8.96
CA ASP A 257 15.04 4.68 9.13
C ASP A 257 15.50 4.13 7.79
N ALA A 258 14.54 3.74 6.95
CA ALA A 258 14.86 3.18 5.64
C ALA A 258 15.52 4.26 4.76
N ARG A 259 14.95 5.47 4.77
CA ARG A 259 15.52 6.57 4.02
C ARG A 259 16.96 6.83 4.48
N GLN A 260 17.18 6.83 5.79
CA GLN A 260 18.50 7.08 6.36
C GLN A 260 19.48 6.00 5.91
N ARG A 261 19.04 4.73 5.89
CA ARG A 261 19.90 3.63 5.48
C ARG A 261 20.28 3.78 4.01
N ILE A 262 19.31 4.15 3.15
CA ILE A 262 19.59 4.34 1.73
C ILE A 262 20.60 5.46 1.56
N LEU A 263 20.43 6.57 2.31
CA LEU A 263 21.31 7.72 2.18
C LEU A 263 22.72 7.35 2.64
N ALA A 264 22.80 6.57 3.72
CA ALA A 264 24.08 6.20 4.33
C ALA A 264 24.89 5.28 3.42
N SER A 265 24.23 4.59 2.49
CA SER A 265 24.94 3.71 1.58
C SER A 265 25.90 4.54 0.72
N GLY A 266 25.53 5.79 0.42
CA GLY A 266 26.33 6.66 -0.43
C GLY A 266 26.46 6.08 -1.85
N ALA A 267 25.49 5.24 -2.24
CA ALA A 267 25.51 4.52 -3.53
C ALA A 267 24.21 4.74 -4.32
N SER A 268 23.30 5.48 -3.72
CA SER A 268 22.08 5.94 -4.37
C SER A 268 21.98 7.41 -3.98
N GLU A 269 21.52 8.26 -4.88
CA GLU A 269 21.35 9.64 -4.50
C GLU A 269 19.86 9.88 -4.31
N ILE A 270 19.54 10.78 -3.38
CA ILE A 270 18.16 11.19 -3.15
C ILE A 270 18.03 12.67 -3.49
N HIS A 271 17.15 12.96 -4.44
CA HIS A 271 16.83 14.31 -4.84
C HIS A 271 15.53 14.74 -4.18
N THR A 272 15.56 15.86 -3.46
CA THR A 272 14.38 16.43 -2.86
C THR A 272 13.90 17.56 -3.77
N LEU A 273 12.61 17.86 -3.70
CA LEU A 273 12.01 18.85 -4.58
C LEU A 273 11.61 20.10 -3.82
N SER A 274 11.75 21.25 -4.48
CA SER A 274 11.25 22.50 -3.96
C SER A 274 9.74 22.50 -4.20
N PRO A 275 8.95 23.38 -3.55
CA PRO A 275 7.52 23.46 -3.86
C PRO A 275 7.24 23.64 -5.36
N GLN A 276 8.03 24.48 -6.03
CA GLN A 276 7.91 24.72 -7.47
C GLN A 276 8.12 23.43 -8.26
N GLN A 277 9.16 22.68 -7.92
CA GLN A 277 9.48 21.44 -8.62
C GLN A 277 8.38 20.40 -8.40
N ARG A 278 7.83 20.33 -7.18
CA ARG A 278 6.80 19.35 -6.90
C ARG A 278 5.53 19.74 -7.65
N ALA A 279 5.26 21.04 -7.75
CA ALA A 279 4.08 21.52 -8.46
C ALA A 279 4.14 21.15 -9.94
N ASP A 280 5.35 21.15 -10.49
N ASP A 280 5.35 21.18 -10.53
CA ASP A 280 5.57 20.82 -11.89
CA ASP A 280 5.52 20.82 -11.93
C ASP A 280 5.18 19.36 -12.12
C ASP A 280 5.16 19.35 -12.12
N TRP A 281 5.61 18.48 -11.19
CA TRP A 281 5.24 17.07 -11.27
C TRP A 281 3.73 16.91 -11.13
N ARG A 282 3.14 17.67 -10.21
CA ARG A 282 1.70 17.56 -9.99
C ARG A 282 0.94 17.97 -11.24
N GLN A 283 1.35 19.07 -11.88
CA GLN A 283 0.68 19.55 -13.08
C GLN A 283 0.73 18.50 -14.20
N ALA A 284 1.85 17.78 -14.28
CA ALA A 284 2.03 16.79 -15.33
C ALA A 284 1.22 15.52 -15.07
N MET A 285 0.97 15.20 -13.78
CA MET A 285 0.33 13.95 -13.42
C MET A 285 -1.16 14.08 -13.14
N GLN A 286 -1.61 15.23 -12.66
CA GLN A 286 -2.99 15.39 -12.21
C GLN A 286 -4.01 15.12 -13.31
N PRO A 287 -3.74 15.35 -14.61
CA PRO A 287 -4.72 15.04 -15.64
C PRO A 287 -5.22 13.60 -15.64
N VAL A 288 -4.48 12.68 -15.01
CA VAL A 288 -4.90 11.28 -15.03
C VAL A 288 -6.18 11.12 -14.22
N TRP A 289 -6.48 12.05 -13.29
CA TRP A 289 -7.69 11.94 -12.49
C TRP A 289 -8.93 11.92 -13.39
N GLN A 290 -8.85 12.60 -14.54
CA GLN A 290 -9.99 12.70 -15.46
C GLN A 290 -10.47 11.32 -15.90
N LYS A 291 -9.55 10.35 -15.98
CA LYS A 291 -9.88 9.02 -16.47
C LYS A 291 -10.59 8.19 -15.41
N PHE A 292 -10.57 8.62 -14.14
CA PHE A 292 -11.13 7.79 -13.08
C PHE A 292 -12.19 8.52 -12.25
N ARG A 293 -12.45 9.81 -12.51
CA ARG A 293 -13.39 10.52 -11.64
C ARG A 293 -14.80 9.94 -11.78
N GLY A 294 -15.12 9.33 -12.94
CA GLY A 294 -16.40 8.66 -13.10
C GLY A 294 -16.51 7.44 -12.18
N ASN A 295 -15.45 6.60 -12.17
CA ASN A 295 -15.43 5.40 -11.36
C ASN A 295 -15.50 5.71 -9.87
N VAL A 296 -14.70 6.68 -9.39
CA VAL A 296 -14.65 6.92 -7.96
C VAL A 296 -15.85 7.77 -7.53
N GLY A 297 -16.33 8.63 -8.43
CA GLY A 297 -17.48 9.46 -8.12
C GLY A 297 -17.07 10.82 -7.55
N ALA A 298 -17.92 11.81 -7.79
CA ALA A 298 -17.69 13.17 -7.33
C ALA A 298 -17.61 13.26 -5.80
N ASP A 299 -18.45 12.48 -5.11
CA ASP A 299 -18.49 12.58 -3.67
C ASP A 299 -17.19 12.11 -3.02
N LEU A 300 -16.65 10.98 -3.47
CA LEU A 300 -15.41 10.48 -2.89
C LEU A 300 -14.26 11.44 -3.18
N LEU A 301 -14.22 11.99 -4.41
N LEU A 301 -14.25 12.03 -4.39
CA LEU A 301 -13.17 12.92 -4.77
CA LEU A 301 -13.16 12.90 -4.76
C LEU A 301 -13.22 14.13 -3.85
C LEU A 301 -13.20 14.20 -3.95
N GLN A 302 -14.42 14.71 -3.68
CA GLN A 302 -14.58 15.89 -2.85
C GLN A 302 -14.14 15.61 -1.41
N ALA A 303 -14.52 14.44 -0.90
CA ALA A 303 -14.19 14.06 0.48
C ALA A 303 -12.67 13.88 0.63
N ALA A 304 -12.05 13.25 -0.37
CA ALA A 304 -10.62 13.01 -0.33
C ALA A 304 -9.85 14.33 -0.38
N GLU A 305 -10.25 15.22 -1.29
CA GLU A 305 -9.53 16.48 -1.43
C GLU A 305 -9.69 17.28 -0.14
N ALA A 306 -10.89 17.25 0.47
CA ALA A 306 -11.18 17.99 1.70
C ALA A 306 -10.35 17.50 2.89
N SER A 307 -9.89 16.24 2.83
CA SER A 307 -9.11 15.68 3.92
C SER A 307 -7.76 16.39 4.09
N ASN A 308 -7.36 17.19 3.08
CA ASN A 308 -6.11 17.91 3.14
C ASN A 308 -6.23 19.16 4.02
N ARG A 309 -7.46 19.55 4.34
CA ARG A 309 -7.69 20.67 5.24
C ARG A 309 -7.99 20.07 6.62
N PRO A 310 -7.12 20.29 7.64
CA PRO A 310 -7.33 19.73 8.97
C PRO A 310 -8.76 19.89 9.48
#